data_1JG1
#
_entry.id   1JG1
#
_cell.length_a   39.160
_cell.length_b   52.522
_cell.length_c   96.636
_cell.angle_alpha   90.00
_cell.angle_beta   90.00
_cell.angle_gamma   90.00
#
_symmetry.space_group_name_H-M   'P 21 21 21'
#
loop_
_entity.id
_entity.type
_entity.pdbx_description
1 polymer 'protein-L-isoaspartate O-methyltransferase'
2 non-polymer S-ADENOSYL-L-HOMOCYSTEINE
3 water water
#
_entity_poly.entity_id   1
_entity_poly.type   'polypeptide(L)'
_entity_poly.pdbx_seq_one_letter_code
;MHLYSSDFPLMMDEKELYEKWMRTVEMLKAEGIIRSKEVERAFLKYPRYLSVEDKYKKYAHIDEPLPIPAGQTVSAPHMV
AIMLEIANLKPGMNILEVGTGSGWNAALISEIVKTDVYTIERIPELVEFAKRNLERAGVKNVHVILGDGSKGFPPKAPYD
VIIVTAGAPKIPEPLIEQLKIGGKLIIPVGSYHLWQELLEVRKTKDGIKIKNHGGVAFVPLIGEYGWKEHHHHHH
;
_entity_poly.pdbx_strand_id   A
#
# COMPACT_ATOMS: atom_id res chain seq x y z
N GLU A 14 21.10 -11.48 -8.49
CA GLU A 14 20.95 -10.70 -7.24
C GLU A 14 21.22 -9.25 -7.59
N LYS A 15 22.49 -9.03 -7.91
CA LYS A 15 22.85 -7.91 -8.80
C LYS A 15 22.03 -8.07 -10.08
N GLU A 16 21.81 -9.31 -10.52
CA GLU A 16 21.01 -9.45 -11.75
C GLU A 16 19.55 -9.07 -11.51
N LEU A 17 19.04 -9.43 -10.33
CA LEU A 17 17.65 -9.10 -10.00
C LEU A 17 17.52 -7.59 -9.89
N TYR A 18 18.57 -6.98 -9.32
CA TYR A 18 18.45 -5.52 -9.15
C TYR A 18 18.54 -4.84 -10.50
N GLU A 19 19.35 -5.39 -11.42
CA GLU A 19 19.47 -4.77 -12.74
C GLU A 19 18.15 -4.83 -13.50
N LYS A 20 17.46 -5.97 -13.37
CA LYS A 20 16.11 -6.01 -13.96
C LYS A 20 15.14 -5.03 -13.32
N TRP A 21 15.25 -4.82 -12.04
CA TRP A 21 14.36 -3.86 -11.34
C TRP A 21 14.63 -2.43 -11.78
N MET A 22 15.94 -2.07 -11.91
CA MET A 22 16.21 -0.71 -12.37
C MET A 22 15.51 -0.45 -13.73
N ARG A 23 15.45 -1.44 -14.63
CA ARG A 23 14.77 -1.34 -15.90
C ARG A 23 13.28 -1.12 -15.62
N THR A 24 12.71 -1.82 -14.66
CA THR A 24 11.27 -1.56 -14.35
C THR A 24 11.05 -0.16 -13.86
N VAL A 25 11.91 0.30 -12.96
CA VAL A 25 11.72 1.66 -12.45
C VAL A 25 11.90 2.65 -13.56
N GLU A 26 12.89 2.44 -14.44
CA GLU A 26 13.09 3.37 -15.56
C GLU A 26 11.87 3.45 -16.46
N MET A 27 11.33 2.22 -16.64
CA MET A 27 10.15 2.21 -17.49
C MET A 27 9.03 2.97 -16.82
N LEU A 28 8.80 2.73 -15.54
CA LEU A 28 7.68 3.38 -14.88
C LEU A 28 7.81 4.90 -14.95
N LYS A 29 9.05 5.41 -14.85
CA LYS A 29 9.30 6.85 -14.95
C LYS A 29 9.04 7.26 -16.40
N ALA A 30 9.53 6.47 -17.34
CA ALA A 30 9.45 6.88 -18.74
C ALA A 30 7.98 7.01 -19.15
N GLU A 31 7.20 6.07 -18.58
CA GLU A 31 5.79 6.03 -18.90
C GLU A 31 4.95 7.00 -18.10
N GLY A 32 5.50 7.80 -17.17
CA GLY A 32 4.72 8.78 -16.46
C GLY A 32 3.99 8.26 -15.23
N ILE A 33 4.28 7.02 -14.82
CA ILE A 33 3.65 6.42 -13.67
C ILE A 33 4.35 6.86 -12.39
N ILE A 34 5.69 6.76 -12.38
CA ILE A 34 6.51 7.35 -11.30
C ILE A 34 6.79 8.77 -11.79
N ARG A 35 6.38 9.76 -11.02
CA ARG A 35 6.44 11.17 -11.45
C ARG A 35 7.20 12.01 -10.43
N SER A 36 7.60 11.48 -9.29
CA SER A 36 8.30 12.27 -8.26
C SER A 36 9.59 11.56 -7.88
N LYS A 37 10.59 12.36 -7.49
CA LYS A 37 11.87 11.76 -7.07
C LYS A 37 11.67 10.92 -5.82
N GLU A 38 10.75 11.26 -4.92
CA GLU A 38 10.56 10.51 -3.68
C GLU A 38 10.09 9.10 -3.99
N VAL A 39 9.16 8.94 -4.93
CA VAL A 39 8.68 7.59 -5.21
C VAL A 39 9.77 6.85 -5.99
N GLU A 40 10.45 7.53 -6.92
CA GLU A 40 11.54 6.84 -7.62
C GLU A 40 12.56 6.31 -6.64
N ARG A 41 12.99 7.18 -5.72
CA ARG A 41 14.04 6.76 -4.78
C ARG A 41 13.56 5.62 -3.88
N ALA A 42 12.27 5.67 -3.45
CA ALA A 42 11.75 4.59 -2.64
C ALA A 42 11.82 3.27 -3.41
N PHE A 43 11.36 3.29 -4.66
CA PHE A 43 11.38 2.06 -5.46
C PHE A 43 12.77 1.53 -5.65
N LEU A 44 13.78 2.42 -5.82
CA LEU A 44 15.14 1.99 -6.03
C LEU A 44 15.72 1.42 -4.73
N LYS A 45 15.24 1.89 -3.58
CA LYS A 45 15.80 1.42 -2.31
C LYS A 45 15.27 0.04 -1.92
N TYR A 46 13.98 -0.21 -2.25
CA TYR A 46 13.31 -1.46 -1.87
C TYR A 46 12.70 -2.16 -3.14
N PRO A 47 13.56 -2.89 -3.84
CA PRO A 47 13.06 -3.63 -5.00
C PRO A 47 12.02 -4.65 -4.57
N ARG A 48 11.01 -4.92 -5.41
CA ARG A 48 9.96 -5.87 -5.03
C ARG A 48 10.49 -7.26 -4.75
N TYR A 49 11.62 -7.71 -5.29
CA TYR A 49 12.04 -9.08 -5.04
C TYR A 49 12.26 -9.31 -3.55
N LEU A 50 12.48 -8.24 -2.75
CA LEU A 50 12.69 -8.41 -1.29
C LEU A 50 11.43 -8.89 -0.61
N SER A 51 10.30 -8.81 -1.32
CA SER A 51 9.01 -8.98 -0.61
C SER A 51 8.32 -10.26 -1.04
N VAL A 52 8.89 -11.04 -1.95
CA VAL A 52 8.17 -12.23 -2.39
C VAL A 52 8.98 -13.48 -2.08
N GLU A 53 8.28 -14.61 -2.09
CA GLU A 53 8.97 -15.89 -1.85
C GLU A 53 9.97 -16.18 -2.97
N ASP A 54 10.99 -16.98 -2.70
CA ASP A 54 12.05 -17.21 -3.66
C ASP A 54 11.59 -17.57 -5.05
N LYS A 55 10.60 -18.44 -5.10
CA LYS A 55 10.14 -18.97 -6.41
C LYS A 55 9.56 -17.86 -7.26
N TYR A 56 9.21 -16.70 -6.69
CA TYR A 56 8.62 -15.64 -7.50
C TYR A 56 9.60 -14.51 -7.76
N LYS A 57 10.78 -14.59 -7.13
CA LYS A 57 11.73 -13.49 -7.28
C LYS A 57 12.08 -13.24 -8.74
N LYS A 58 12.15 -14.24 -9.60
CA LYS A 58 12.49 -14.14 -11.00
C LYS A 58 11.48 -13.32 -11.76
N TYR A 59 10.29 -13.06 -11.21
CA TYR A 59 9.28 -12.31 -11.93
C TYR A 59 9.01 -11.00 -11.21
N ALA A 60 9.72 -10.68 -10.12
CA ALA A 60 9.36 -9.50 -9.35
C ALA A 60 9.45 -8.20 -10.11
N HIS A 61 10.27 -8.15 -11.15
CA HIS A 61 10.44 -6.97 -11.98
C HIS A 61 9.35 -6.82 -13.04
N ILE A 62 8.56 -7.86 -13.31
CA ILE A 62 7.49 -7.75 -14.30
C ILE A 62 6.33 -6.97 -13.70
N ASP A 63 5.70 -6.11 -14.50
CA ASP A 63 4.66 -5.25 -13.93
C ASP A 63 3.37 -6.04 -13.92
N GLU A 64 3.21 -6.94 -12.96
CA GLU A 64 2.10 -7.83 -12.77
C GLU A 64 1.98 -8.09 -11.27
N PRO A 65 0.78 -8.38 -10.74
CA PRO A 65 0.68 -8.81 -9.35
C PRO A 65 1.35 -10.16 -9.19
N LEU A 66 1.76 -10.53 -7.97
CA LEU A 66 2.35 -11.85 -7.73
C LEU A 66 1.75 -12.44 -6.48
N PRO A 67 1.68 -13.77 -6.38
CA PRO A 67 1.14 -14.39 -5.16
C PRO A 67 2.05 -14.13 -3.97
N ILE A 68 1.40 -14.05 -2.81
CA ILE A 68 2.06 -14.15 -1.50
C ILE A 68 1.29 -15.18 -0.71
N PRO A 69 1.75 -15.56 0.49
CA PRO A 69 1.02 -16.64 1.21
C PRO A 69 -0.41 -16.30 1.54
N ALA A 70 -1.12 -17.37 1.90
CA ALA A 70 -2.48 -17.28 2.43
C ALA A 70 -3.47 -16.73 1.41
N GLY A 71 -3.20 -17.00 0.15
CA GLY A 71 -4.08 -16.70 -0.97
C GLY A 71 -4.14 -15.25 -1.35
N GLN A 72 -3.26 -14.39 -0.84
CA GLN A 72 -3.24 -12.98 -1.21
C GLN A 72 -2.24 -12.65 -2.30
N THR A 73 -2.02 -11.37 -2.64
CA THR A 73 -1.06 -11.01 -3.71
C THR A 73 -0.30 -9.76 -3.31
N VAL A 74 0.93 -9.55 -3.79
CA VAL A 74 1.59 -8.27 -3.76
C VAL A 74 1.21 -7.57 -5.05
N SER A 75 0.83 -6.32 -4.94
CA SER A 75 0.28 -5.58 -6.07
C SER A 75 1.33 -5.39 -7.18
N ALA A 76 0.80 -5.16 -8.40
CA ALA A 76 1.68 -4.81 -9.53
C ALA A 76 2.43 -3.49 -9.24
N PRO A 77 3.71 -3.45 -9.62
CA PRO A 77 4.48 -2.22 -9.37
C PRO A 77 3.78 -0.94 -9.85
N HIS A 78 3.15 -0.95 -11.03
CA HIS A 78 2.55 0.32 -11.40
C HIS A 78 1.43 0.72 -10.45
N MET A 79 0.67 -0.21 -9.92
CA MET A 79 -0.45 0.19 -9.03
C MET A 79 0.10 0.76 -7.73
N VAL A 80 1.19 0.12 -7.22
CA VAL A 80 1.79 0.68 -6.00
C VAL A 80 2.29 2.08 -6.29
N ALA A 81 2.94 2.28 -7.42
CA ALA A 81 3.42 3.62 -7.73
C ALA A 81 2.28 4.63 -7.85
N ILE A 82 1.20 4.24 -8.55
CA ILE A 82 0.07 5.17 -8.73
C ILE A 82 -0.45 5.61 -7.39
N MET A 83 -0.63 4.67 -6.47
CA MET A 83 -1.22 5.02 -5.17
C MET A 83 -0.29 5.84 -4.32
N LEU A 84 1.04 5.58 -4.41
CA LEU A 84 1.99 6.43 -3.69
C LEU A 84 1.99 7.85 -4.25
N GLU A 85 1.90 7.98 -5.60
CA GLU A 85 1.93 9.32 -6.16
C GLU A 85 0.64 10.04 -5.77
N ILE A 86 -0.52 9.39 -5.76
CA ILE A 86 -1.72 10.10 -5.27
C ILE A 86 -1.58 10.53 -3.84
N ALA A 87 -0.87 9.72 -3.05
CA ALA A 87 -0.73 10.05 -1.61
C ALA A 87 0.10 11.29 -1.36
N ASN A 88 1.00 11.67 -2.27
CA ASN A 88 1.79 12.91 -2.13
C ASN A 88 2.46 12.99 -0.78
N LEU A 89 3.21 11.93 -0.48
CA LEU A 89 3.76 11.77 0.85
C LEU A 89 4.93 12.70 1.09
N LYS A 90 5.01 13.18 2.33
CA LYS A 90 6.07 14.11 2.77
C LYS A 90 6.70 13.58 4.05
N PRO A 91 7.92 13.93 4.33
CA PRO A 91 8.58 13.58 5.64
C PRO A 91 7.72 13.98 6.81
N GLY A 92 7.64 13.09 7.80
CA GLY A 92 6.98 13.36 9.06
C GLY A 92 5.50 13.06 8.96
N MET A 93 4.89 12.79 7.80
CA MET A 93 3.50 12.41 7.80
C MET A 93 3.26 11.11 8.58
N ASN A 94 2.04 11.02 9.10
CA ASN A 94 1.58 9.85 9.87
C ASN A 94 0.62 9.04 8.99
N ILE A 95 1.10 7.89 8.52
CA ILE A 95 0.39 7.11 7.54
C ILE A 95 -0.07 5.77 8.11
N LEU A 96 -1.30 5.39 7.76
CA LEU A 96 -1.84 4.05 8.04
C LEU A 96 -1.99 3.35 6.70
N GLU A 97 -1.41 2.16 6.58
CA GLU A 97 -1.73 1.23 5.49
C GLU A 97 -2.69 0.16 6.03
N VAL A 98 -3.74 -0.08 5.26
CA VAL A 98 -4.62 -1.22 5.57
C VAL A 98 -4.29 -2.31 4.53
N GLY A 99 -3.86 -3.45 5.06
CA GLY A 99 -3.56 -4.63 4.23
C GLY A 99 -2.06 -4.76 3.97
N THR A 100 -1.30 -5.20 4.99
CA THR A 100 0.15 -5.21 4.84
C THR A 100 0.63 -6.16 3.77
N GLY A 101 0.03 -7.36 3.74
CA GLY A 101 0.50 -8.33 2.72
C GLY A 101 1.97 -8.72 2.95
N SER A 102 2.78 -8.40 1.97
CA SER A 102 4.20 -8.66 1.96
C SER A 102 5.02 -7.64 2.70
N GLY A 103 4.45 -6.50 3.08
CA GLY A 103 5.20 -5.40 3.68
C GLY A 103 5.88 -4.48 2.68
N TRP A 104 5.81 -4.79 1.39
CA TRP A 104 6.54 -3.98 0.42
C TRP A 104 6.09 -2.53 0.39
N ASN A 105 4.76 -2.32 0.22
CA ASN A 105 4.25 -0.96 0.17
C ASN A 105 4.57 -0.19 1.44
N ALA A 106 4.43 -0.86 2.63
CA ALA A 106 4.75 -0.13 3.87
C ALA A 106 6.22 0.26 3.91
N ALA A 107 7.13 -0.60 3.44
CA ALA A 107 8.54 -0.24 3.38
C ALA A 107 8.73 1.00 2.51
N LEU A 108 8.10 1.00 1.34
CA LEU A 108 8.22 2.18 0.48
C LEU A 108 7.71 3.45 1.13
N ILE A 109 6.54 3.34 1.78
CA ILE A 109 5.98 4.53 2.46
C ILE A 109 6.97 5.03 3.49
N SER A 110 7.55 4.11 4.27
CA SER A 110 8.47 4.52 5.34
C SER A 110 9.70 5.19 4.80
N GLU A 111 10.16 4.80 3.63
CA GLU A 111 11.35 5.45 3.05
C GLU A 111 11.01 6.90 2.71
N ILE A 112 9.77 7.20 2.30
CA ILE A 112 9.43 8.58 1.95
C ILE A 112 9.17 9.42 3.16
N VAL A 113 8.47 8.87 4.15
CA VAL A 113 8.02 9.71 5.27
C VAL A 113 9.05 9.76 6.39
N LYS A 114 10.06 8.90 6.41
CA LYS A 114 11.19 9.06 7.36
C LYS A 114 10.73 8.98 8.80
N THR A 115 9.66 8.23 9.10
CA THR A 115 9.13 8.12 10.44
C THR A 115 8.34 6.83 10.52
N ASP A 116 7.77 6.57 11.66
CA ASP A 116 6.93 5.41 11.96
C ASP A 116 5.76 5.34 10.99
N VAL A 117 5.56 4.15 10.42
CA VAL A 117 4.44 3.84 9.56
C VAL A 117 3.66 2.71 10.20
N TYR A 118 2.32 2.83 10.24
CA TYR A 118 1.50 1.77 10.85
C TYR A 118 0.83 1.03 9.74
N THR A 119 0.83 -0.33 9.81
CA THR A 119 0.19 -1.10 8.75
C THR A 119 -0.52 -2.25 9.43
N ILE A 120 -1.73 -2.54 8.97
CA ILE A 120 -2.55 -3.57 9.64
C ILE A 120 -2.86 -4.67 8.66
N GLU A 121 -2.81 -5.91 9.18
CA GLU A 121 -3.03 -7.11 8.36
C GLU A 121 -3.90 -8.04 9.20
N ARG A 122 -4.91 -8.68 8.55
CA ARG A 122 -5.82 -9.53 9.31
C ARG A 122 -5.34 -10.96 9.40
N ILE A 123 -4.44 -11.42 8.54
CA ILE A 123 -4.05 -12.83 8.51
C ILE A 123 -2.75 -12.99 9.29
N PRO A 124 -2.73 -13.72 10.38
CA PRO A 124 -1.47 -13.91 11.14
C PRO A 124 -0.30 -14.38 10.30
N GLU A 125 -0.51 -15.31 9.37
CA GLU A 125 0.63 -15.80 8.58
C GLU A 125 1.29 -14.67 7.85
N LEU A 126 0.47 -13.69 7.37
CA LEU A 126 1.04 -12.57 6.63
C LEU A 126 1.64 -11.50 7.53
N VAL A 127 1.10 -11.31 8.75
CA VAL A 127 1.81 -10.47 9.70
C VAL A 127 3.26 -11.00 9.87
N GLU A 128 3.41 -12.33 10.00
CA GLU A 128 4.75 -12.89 10.20
C GLU A 128 5.60 -12.77 8.93
N PHE A 129 5.00 -13.02 7.78
CA PHE A 129 5.73 -12.94 6.51
C PHE A 129 6.26 -11.53 6.29
N ALA A 130 5.38 -10.55 6.50
CA ALA A 130 5.77 -9.15 6.29
C ALA A 130 6.87 -8.76 7.29
N LYS A 131 6.69 -9.13 8.59
CA LYS A 131 7.72 -8.78 9.56
C LYS A 131 9.07 -9.39 9.16
N ARG A 132 9.04 -10.66 8.74
CA ARG A 132 10.35 -11.22 8.33
C ARG A 132 10.94 -10.47 7.14
N ASN A 133 10.12 -10.13 6.13
CA ASN A 133 10.64 -9.43 4.97
C ASN A 133 11.20 -8.07 5.36
N LEU A 134 10.51 -7.35 6.25
CA LEU A 134 10.95 -6.01 6.65
C LEU A 134 12.26 -6.07 7.40
N GLU A 135 12.35 -7.05 8.32
CA GLU A 135 13.59 -7.18 9.06
C GLU A 135 14.77 -7.53 8.19
N ARG A 136 14.56 -8.50 7.29
CA ARG A 136 15.67 -8.88 6.39
C ARG A 136 16.12 -7.71 5.55
N ALA A 137 15.21 -6.78 5.22
CA ALA A 137 15.53 -5.63 4.40
C ALA A 137 16.07 -4.46 5.22
N GLY A 138 16.17 -4.64 6.54
CA GLY A 138 16.79 -3.56 7.30
C GLY A 138 15.79 -2.52 7.72
N VAL A 139 14.47 -2.71 7.46
CA VAL A 139 13.49 -1.71 7.89
C VAL A 139 13.16 -1.74 9.36
N LYS A 140 13.12 -0.61 10.04
CA LYS A 140 12.75 -0.50 11.46
C LYS A 140 11.46 0.30 11.66
N ASN A 141 11.15 1.24 10.79
CA ASN A 141 10.04 2.16 11.12
C ASN A 141 8.67 1.66 10.71
N VAL A 142 8.58 0.49 10.07
CA VAL A 142 7.27 -0.08 9.75
C VAL A 142 6.80 -0.93 10.92
N HIS A 143 5.58 -0.64 11.38
CA HIS A 143 5.00 -1.35 12.54
C HIS A 143 3.78 -2.12 12.04
N VAL A 144 3.90 -3.43 12.00
CA VAL A 144 2.85 -4.31 11.51
C VAL A 144 1.97 -4.72 12.70
N ILE A 145 0.66 -4.60 12.52
CA ILE A 145 -0.34 -4.90 13.55
C ILE A 145 -1.30 -5.96 13.02
N LEU A 146 -1.58 -6.98 13.81
CA LEU A 146 -2.63 -7.92 13.49
C LEU A 146 -3.98 -7.36 13.89
N GLY A 147 -4.88 -7.30 12.89
CA GLY A 147 -6.22 -6.86 13.23
C GLY A 147 -7.08 -6.55 12.03
N ASP A 148 -8.26 -6.03 12.32
CA ASP A 148 -9.23 -5.66 11.30
C ASP A 148 -9.05 -4.20 10.96
N GLY A 149 -8.35 -3.91 9.88
CA GLY A 149 -8.04 -2.55 9.47
C GLY A 149 -9.23 -1.80 8.87
N SER A 150 -10.38 -2.47 8.63
CA SER A 150 -11.56 -1.68 8.29
C SER A 150 -12.02 -0.80 9.48
N LYS A 151 -11.49 -1.08 10.67
CA LYS A 151 -11.70 -0.29 11.87
C LYS A 151 -10.60 0.74 12.03
N GLY A 152 -9.71 0.84 11.07
CA GLY A 152 -8.54 1.67 11.19
C GLY A 152 -7.59 1.20 12.31
N PHE A 153 -6.98 2.19 12.94
CA PHE A 153 -6.06 1.91 14.04
C PHE A 153 -6.08 3.15 14.95
N PRO A 154 -7.09 3.23 15.83
CA PRO A 154 -7.24 4.39 16.70
C PRO A 154 -6.00 4.77 17.51
N PRO A 155 -5.17 3.87 18.02
CA PRO A 155 -4.08 4.29 18.91
C PRO A 155 -3.14 5.33 18.29
N LYS A 156 -2.98 5.36 16.97
CA LYS A 156 -2.06 6.31 16.36
C LYS A 156 -2.80 7.28 15.44
N ALA A 157 -4.12 7.30 15.47
CA ALA A 157 -4.91 8.26 14.68
C ALA A 157 -4.81 9.65 15.28
N PRO A 158 -5.07 10.74 14.55
CA PRO A 158 -5.41 10.72 13.13
C PRO A 158 -4.21 10.70 12.19
N TYR A 159 -4.52 10.32 10.93
CA TYR A 159 -3.54 10.10 9.91
C TYR A 159 -3.63 11.14 8.80
N ASP A 160 -2.47 11.45 8.21
CA ASP A 160 -2.38 12.28 7.03
C ASP A 160 -2.92 11.61 5.78
N VAL A 161 -2.57 10.32 5.62
CA VAL A 161 -3.05 9.51 4.50
C VAL A 161 -3.35 8.13 5.07
N ILE A 162 -4.44 7.54 4.59
CA ILE A 162 -4.69 6.13 4.85
C ILE A 162 -4.72 5.47 3.48
N ILE A 163 -3.90 4.45 3.26
CA ILE A 163 -3.80 3.77 1.98
C ILE A 163 -4.31 2.34 2.18
N VAL A 164 -5.41 2.01 1.52
CA VAL A 164 -6.04 0.70 1.69
C VAL A 164 -5.79 -0.13 0.47
N THR A 165 -5.30 -1.34 0.69
CA THR A 165 -4.81 -2.18 -0.42
C THR A 165 -5.63 -3.47 -0.53
N ALA A 166 -6.89 -3.40 -0.10
CA ALA A 166 -7.91 -4.44 -0.25
C ALA A 166 -9.20 -3.72 -0.57
N GLY A 167 -10.05 -4.38 -1.40
CA GLY A 167 -11.25 -3.66 -1.84
C GLY A 167 -12.44 -3.80 -0.93
N ALA A 168 -13.09 -2.68 -0.72
CA ALA A 168 -14.23 -2.60 0.19
C ALA A 168 -15.54 -2.40 -0.54
N PRO A 169 -16.66 -2.74 0.06
CA PRO A 169 -17.98 -2.52 -0.57
C PRO A 169 -18.45 -1.06 -0.48
N LYS A 170 -17.85 -0.29 0.40
CA LYS A 170 -18.19 1.12 0.67
C LYS A 170 -17.01 1.79 1.32
N ILE A 171 -17.02 3.09 1.52
CA ILE A 171 -15.95 3.76 2.28
C ILE A 171 -16.14 3.52 3.75
N PRO A 172 -15.26 2.82 4.45
CA PRO A 172 -15.44 2.60 5.90
C PRO A 172 -15.44 3.88 6.72
N GLU A 173 -16.51 4.11 7.47
CA GLU A 173 -16.56 5.33 8.30
C GLU A 173 -15.36 5.44 9.23
N PRO A 174 -14.86 4.40 9.90
CA PRO A 174 -13.73 4.63 10.82
C PRO A 174 -12.52 5.22 10.11
N LEU A 175 -12.37 4.89 8.81
CA LEU A 175 -11.19 5.43 8.13
C LEU A 175 -11.40 6.90 7.80
N ILE A 176 -12.61 7.36 7.61
CA ILE A 176 -12.84 8.81 7.47
C ILE A 176 -12.65 9.50 8.84
N GLU A 177 -13.18 8.88 9.90
CA GLU A 177 -13.06 9.52 11.21
C GLU A 177 -11.61 9.68 11.62
N GLN A 178 -10.74 8.75 11.21
CA GLN A 178 -9.33 8.76 11.60
C GLN A 178 -8.43 9.59 10.69
N LEU A 179 -9.02 10.26 9.69
CA LEU A 179 -8.22 11.14 8.86
C LEU A 179 -8.17 12.53 9.48
N LYS A 180 -6.98 13.14 9.36
CA LYS A 180 -6.90 14.58 9.65
C LYS A 180 -7.74 15.38 8.65
N ILE A 181 -8.24 16.55 9.07
CA ILE A 181 -8.97 17.33 8.05
C ILE A 181 -7.87 17.81 7.11
N GLY A 182 -8.02 17.77 5.80
CA GLY A 182 -6.84 17.99 4.97
C GLY A 182 -6.23 16.69 4.47
N GLY A 183 -6.57 15.54 5.02
CA GLY A 183 -5.91 14.28 4.69
C GLY A 183 -6.71 13.57 3.61
N LYS A 184 -6.20 12.40 3.22
CA LYS A 184 -6.88 11.68 2.17
C LYS A 184 -6.81 10.17 2.42
N LEU A 185 -7.87 9.53 1.95
CA LEU A 185 -8.04 8.09 1.98
C LEU A 185 -7.99 7.56 0.55
N ILE A 186 -7.13 6.60 0.29
CA ILE A 186 -7.00 5.98 -1.02
C ILE A 186 -7.47 4.56 -0.87
N ILE A 187 -8.54 4.20 -1.59
CA ILE A 187 -9.20 2.95 -1.28
C ILE A 187 -9.92 2.40 -2.53
N PRO A 188 -9.84 1.09 -2.80
CA PRO A 188 -10.65 0.49 -3.86
C PRO A 188 -12.05 0.21 -3.30
N VAL A 189 -13.08 0.67 -4.01
CA VAL A 189 -14.46 0.42 -3.60
C VAL A 189 -15.25 -0.13 -4.76
N GLY A 190 -16.07 -1.17 -4.51
CA GLY A 190 -16.93 -1.65 -5.58
C GLY A 190 -17.83 -2.73 -5.00
N SER A 191 -18.83 -3.04 -5.81
CA SER A 191 -19.87 -3.95 -5.31
C SER A 191 -19.55 -5.40 -5.61
N TYR A 192 -18.40 -5.66 -6.23
CA TYR A 192 -17.77 -6.96 -6.34
C TYR A 192 -16.65 -7.05 -5.28
N HIS A 193 -16.48 -8.18 -4.65
CA HIS A 193 -15.39 -8.46 -3.78
C HIS A 193 -14.02 -8.30 -4.46
N LEU A 194 -13.93 -8.56 -5.77
CA LEU A 194 -12.61 -8.69 -6.40
C LEU A 194 -12.39 -7.63 -7.49
N TRP A 195 -13.37 -6.79 -7.82
CA TRP A 195 -13.33 -5.82 -8.95
C TRP A 195 -13.83 -4.45 -8.48
N GLN A 196 -12.96 -3.41 -8.48
CA GLN A 196 -13.33 -2.16 -7.81
C GLN A 196 -13.02 -0.94 -8.62
N GLU A 197 -13.38 0.20 -8.08
CA GLU A 197 -12.94 1.50 -8.57
C GLU A 197 -11.95 2.07 -7.57
N LEU A 198 -10.80 2.57 -8.01
CA LEU A 198 -9.84 3.19 -7.08
C LEU A 198 -10.29 4.62 -6.76
N LEU A 199 -10.63 4.83 -5.48
CA LEU A 199 -11.12 6.14 -5.04
C LEU A 199 -10.04 6.86 -4.25
N GLU A 200 -9.94 8.16 -4.53
CA GLU A 200 -9.17 9.10 -3.70
C GLU A 200 -10.21 9.97 -3.01
N VAL A 201 -10.29 9.80 -1.70
CA VAL A 201 -11.31 10.44 -0.85
C VAL A 201 -10.64 11.50 -0.02
N ARG A 202 -10.88 12.75 -0.30
CA ARG A 202 -10.20 13.86 0.34
C ARG A 202 -11.17 14.42 1.39
N LYS A 203 -10.65 14.40 2.60
CA LYS A 203 -11.45 14.97 3.69
C LYS A 203 -11.08 16.44 3.75
N THR A 204 -11.80 17.27 2.98
CA THR A 204 -11.37 18.66 2.87
C THR A 204 -12.20 19.54 3.80
N LYS A 205 -11.72 20.76 4.04
CA LYS A 205 -12.46 21.68 4.86
C LYS A 205 -13.86 21.92 4.30
N ASP A 206 -14.10 21.71 3.02
CA ASP A 206 -15.41 21.92 2.40
C ASP A 206 -16.14 20.61 2.21
N GLY A 207 -15.68 19.54 2.86
CA GLY A 207 -16.40 18.28 2.73
C GLY A 207 -15.68 17.22 1.95
N ILE A 208 -16.29 16.04 1.84
CA ILE A 208 -15.64 14.93 1.15
C ILE A 208 -15.61 15.20 -0.32
N LYS A 209 -14.44 15.04 -0.91
CA LYS A 209 -14.30 15.25 -2.36
C LYS A 209 -13.71 13.96 -2.88
N ILE A 210 -14.37 13.37 -3.85
CA ILE A 210 -13.84 12.10 -4.38
C ILE A 210 -13.40 12.24 -5.81
N LYS A 211 -12.24 11.66 -6.05
CA LYS A 211 -11.76 11.49 -7.43
C LYS A 211 -11.74 9.99 -7.69
N ASN A 212 -12.41 9.57 -8.76
CA ASN A 212 -12.49 8.15 -9.11
C ASN A 212 -11.31 7.95 -10.04
N HIS A 213 -10.43 6.95 -9.81
CA HIS A 213 -9.19 6.79 -10.57
C HIS A 213 -9.20 5.52 -11.46
N GLY A 214 -10.38 4.97 -11.73
CA GLY A 214 -10.51 3.89 -12.72
C GLY A 214 -10.59 2.50 -12.11
N GLY A 215 -10.83 1.49 -12.95
CA GLY A 215 -11.00 0.12 -12.48
C GLY A 215 -9.71 -0.52 -11.98
N VAL A 216 -9.83 -1.35 -10.93
CA VAL A 216 -8.71 -2.07 -10.34
C VAL A 216 -9.19 -3.41 -9.81
N ALA A 217 -8.26 -4.25 -9.44
CA ALA A 217 -8.57 -5.57 -8.97
C ALA A 217 -7.73 -5.84 -7.71
N PHE A 218 -8.35 -5.71 -6.55
CA PHE A 218 -7.68 -6.02 -5.31
C PHE A 218 -8.37 -7.17 -4.62
N VAL A 219 -7.69 -7.87 -3.69
CA VAL A 219 -8.35 -8.84 -2.83
C VAL A 219 -9.36 -8.12 -1.93
N PRO A 220 -10.37 -8.80 -1.43
CA PRO A 220 -11.38 -8.09 -0.58
C PRO A 220 -10.86 -7.67 0.78
N LEU A 221 -11.33 -6.54 1.23
CA LEU A 221 -11.18 -6.05 2.58
C LEU A 221 -12.22 -6.75 3.43
N ILE A 222 -11.85 -7.65 4.32
CA ILE A 222 -12.77 -8.49 5.07
C ILE A 222 -12.80 -7.99 6.50
N GLY A 223 -13.95 -7.56 6.96
CA GLY A 223 -14.02 -7.11 8.37
C GLY A 223 -15.32 -6.34 8.61
N GLU A 224 -15.34 -5.74 9.81
CA GLU A 224 -16.58 -5.17 10.31
C GLU A 224 -17.12 -4.07 9.43
N TYR A 225 -16.23 -3.27 8.85
CA TYR A 225 -16.64 -2.19 7.94
C TYR A 225 -16.16 -2.53 6.53
N GLY A 226 -15.90 -3.79 6.25
CA GLY A 226 -15.65 -4.25 4.90
C GLY A 226 -16.68 -5.33 4.53
N TRP A 227 -16.21 -6.34 3.82
CA TRP A 227 -16.99 -7.49 3.42
C TRP A 227 -17.13 -8.46 4.60
N LYS A 228 -18.30 -9.04 4.76
CA LYS A 228 -18.38 -10.12 5.77
C LYS A 228 -17.58 -11.35 5.37
N SAH B . 0.05 -3.74 0.45
CA SAH B . 0.31 -5.22 0.17
CB SAH B . -0.32 -5.86 -1.03
CG SAH B . -1.81 -6.05 -1.10
SD SAH B . -2.22 -7.37 0.12
C SAH B . 1.88 -5.38 0.06
O SAH B . 2.59 -4.36 0.09
OXT SAH B . 2.29 -6.57 -0.20
C5' SAH B . -3.72 -6.79 0.80
C4' SAH B . -3.92 -7.52 2.18
O4' SAH B . -5.11 -7.00 2.76
C3' SAH B . -4.05 -9.01 2.17
O3' SAH B . -2.88 -9.60 2.71
C2' SAH B . -5.31 -9.23 3.11
O2' SAH B . -5.14 -10.35 3.97
C1' SAH B . -5.45 -7.90 3.85
N9 SAH B . -6.64 -7.68 4.36
C8 SAH B . -7.93 -7.98 3.99
N7 SAH B . -8.85 -7.47 4.76
C5 SAH B . -8.12 -6.75 5.75
C6 SAH B . -8.54 -6.17 6.98
N6 SAH B . -9.82 -5.99 7.34
N1 SAH B . -7.54 -5.60 7.69
C2 SAH B . -6.24 -5.76 7.39
N3 SAH B . -5.79 -6.45 6.30
C4 SAH B . -6.78 -6.91 5.54
#